data_8ZB4
#
_entry.id   8ZB4
#
_cell.length_a   132.726
_cell.length_b   132.726
_cell.length_c   175.356
_cell.angle_alpha   90.00
_cell.angle_beta   90.00
_cell.angle_gamma   120.00
#
_symmetry.space_group_name_H-M   'P 61 2 2'
#
loop_
_entity.id
_entity.type
_entity.pdbx_description
1 polymer 'NAD(+) diphosphatase'
2 non-polymer 'CALCIUM ION'
3 non-polymer NICOTINAMIDE-ADENINE-DINUCLEOTIDE
4 water water
#
_entity_poly.entity_id   1
_entity_poly.type   'polypeptide(L)'
_entity_poly.pdbx_seq_one_letter_code
;MTFRLRNIPLLSRVGLDRADELRSNPEELAKGWAEAGLITLDVRGRVNIVDGQVVIEDAARIGDQPPEHAVFLGRIPGGR
HVWAVRADLDEDSAPLLDLRRSGQLFDDTSAALLATAMAMLAWHDNAGYSPVDGSPTIPAKGGWVRVNSATGQEEFPRTD
PAIICLVHDGGDRAVLGRQKFWPERMFSLLAGFVEAGESLEACVAREVAEEVGLTVTDVQYLGSQPWPFPRSIMLGFHAI
GDPSQPFAFNDGEIAEADWFTRAEVRSALEAGDWTTASDSRLMLPGSISIAREIVESWAYAGEEPPAGRPLEHHHHHH
;
_entity_poly.pdbx_strand_id   A,B
#
# COMPACT_ATOMS: atom_id res chain seq x y z
N THR A 2 -10.64 9.08 -19.19
CA THR A 2 -10.60 9.14 -20.66
C THR A 2 -9.57 8.16 -21.21
N PHE A 3 -8.42 8.01 -20.52
CA PHE A 3 -7.29 7.27 -21.07
C PHE A 3 -6.85 6.11 -20.17
N ARG A 4 -6.03 5.24 -20.76
CA ARG A 4 -5.50 4.04 -20.15
C ARG A 4 -3.99 4.03 -20.37
N LEU A 5 -3.25 3.18 -19.65
CA LEU A 5 -1.82 3.04 -19.88
C LEU A 5 -1.59 2.21 -21.15
N ARG A 6 -0.70 2.67 -22.03
CA ARG A 6 -0.35 1.93 -23.22
C ARG A 6 0.47 0.69 -22.85
N ASN A 7 1.47 0.89 -21.99
CA ASN A 7 2.36 -0.19 -21.57
C ASN A 7 2.16 -0.52 -20.10
N ILE A 8 2.38 -1.79 -19.79
CA ILE A 8 2.60 -2.22 -18.42
C ILE A 8 3.88 -1.57 -17.90
N PRO A 9 3.84 -0.94 -16.70
CA PRO A 9 5.01 -0.25 -16.15
C PRO A 9 6.18 -1.21 -15.96
N LEU A 10 7.41 -0.69 -16.11
CA LEU A 10 8.58 -1.50 -15.85
C LEU A 10 8.52 -2.00 -14.41
N LEU A 11 9.00 -3.23 -14.21
CA LEU A 11 9.03 -3.88 -12.90
C LEU A 11 7.71 -4.56 -12.62
N SER A 12 6.68 -4.33 -13.43
CA SER A 12 5.40 -5.00 -13.26
C SER A 12 5.19 -6.06 -14.34
N ARG A 13 6.11 -6.20 -15.31
CA ARG A 13 5.85 -6.93 -16.55
C ARG A 13 5.62 -8.42 -16.37
N VAL A 14 6.31 -9.09 -15.43
CA VAL A 14 6.00 -10.48 -15.14
C VAL A 14 5.86 -10.64 -13.64
N GLY A 15 5.06 -11.62 -13.23
CA GLY A 15 5.06 -12.12 -11.87
C GLY A 15 5.84 -13.44 -11.78
N LEU A 16 6.71 -13.55 -10.79
CA LEU A 16 7.49 -14.76 -10.57
C LEU A 16 6.56 -15.92 -10.24
N ASP A 17 7.04 -17.15 -10.46
CA ASP A 17 6.51 -18.27 -9.71
C ASP A 17 7.18 -18.21 -8.34
N ARG A 18 6.54 -17.53 -7.37
CA ARG A 18 7.13 -17.31 -6.06
C ARG A 18 7.14 -18.60 -5.24
N ALA A 19 6.42 -19.63 -5.72
CA ALA A 19 6.36 -20.93 -5.08
C ALA A 19 6.11 -20.80 -3.58
N ASP A 20 4.96 -20.21 -3.24
CA ASP A 20 4.56 -19.91 -1.87
C ASP A 20 4.54 -21.22 -1.07
N GLU A 21 4.11 -22.32 -1.71
CA GLU A 21 4.00 -23.63 -1.07
C GLU A 21 5.24 -23.96 -0.24
N LEU A 22 6.43 -23.79 -0.86
CA LEU A 22 7.67 -24.34 -0.33
C LEU A 22 8.22 -23.52 0.83
N ARG A 23 7.78 -22.26 0.98
CA ARG A 23 8.43 -21.36 1.92
C ARG A 23 8.49 -21.97 3.32
N SER A 24 7.43 -22.68 3.73
CA SER A 24 7.37 -23.30 5.04
C SER A 24 7.43 -24.82 4.90
N ASN A 25 8.55 -25.30 4.35
CA ASN A 25 8.75 -26.71 4.08
C ASN A 25 10.27 -26.91 4.00
N PRO A 26 11.00 -26.80 5.15
CA PRO A 26 12.47 -26.75 5.11
C PRO A 26 13.12 -27.85 4.27
N GLU A 27 12.43 -29.00 4.16
CA GLU A 27 12.99 -30.20 3.56
C GLU A 27 12.96 -30.12 2.04
N GLU A 28 11.87 -29.62 1.46
CA GLU A 28 11.76 -29.52 0.01
C GLU A 28 12.69 -28.41 -0.49
N LEU A 29 12.93 -27.41 0.37
CA LEU A 29 13.91 -26.36 0.09
C LEU A 29 15.30 -26.98 0.00
N ALA A 30 15.63 -27.85 0.96
CA ALA A 30 16.93 -28.49 1.08
C ALA A 30 17.17 -29.46 -0.08
N LYS A 31 16.13 -30.15 -0.54
CA LYS A 31 16.24 -31.08 -1.66
C LYS A 31 16.57 -30.33 -2.96
N GLY A 32 15.98 -29.14 -3.15
CA GLY A 32 16.09 -28.40 -4.40
C GLY A 32 17.29 -27.47 -4.45
N TRP A 33 17.96 -27.28 -3.30
CA TRP A 33 19.17 -26.47 -3.21
C TRP A 33 20.32 -27.13 -3.97
N ALA A 34 20.24 -28.46 -4.14
CA ALA A 34 21.31 -29.25 -4.73
C ALA A 34 21.84 -28.56 -5.98
N GLU A 35 20.93 -28.21 -6.91
CA GLU A 35 21.29 -27.49 -8.11
C GLU A 35 20.36 -26.29 -8.28
N ALA A 36 20.31 -25.46 -7.23
CA ALA A 36 19.56 -24.22 -7.25
C ALA A 36 20.40 -23.12 -7.89
N GLY A 37 19.78 -21.96 -8.13
CA GLY A 37 20.45 -20.74 -8.53
C GLY A 37 20.60 -19.74 -7.39
N LEU A 38 21.54 -18.80 -7.55
CA LEU A 38 21.80 -17.80 -6.52
C LEU A 38 22.12 -16.45 -7.19
N ILE A 39 21.54 -15.41 -6.60
CA ILE A 39 21.70 -14.04 -7.04
C ILE A 39 22.33 -13.30 -5.89
N THR A 40 23.19 -12.31 -6.16
CA THR A 40 23.95 -11.68 -5.10
C THR A 40 23.90 -10.16 -5.26
N LEU A 41 23.58 -9.47 -4.15
CA LEU A 41 23.39 -8.04 -4.13
C LEU A 41 24.39 -7.43 -3.16
N ASP A 42 24.91 -6.25 -3.53
CA ASP A 42 25.75 -5.49 -2.63
C ASP A 42 24.84 -4.73 -1.69
N VAL A 43 25.43 -3.91 -0.81
CA VAL A 43 24.65 -3.21 0.20
C VAL A 43 23.89 -2.06 -0.45
N ARG A 44 24.15 -1.81 -1.74
CA ARG A 44 23.52 -0.73 -2.46
C ARG A 44 22.39 -1.25 -3.33
N GLY A 45 22.18 -2.58 -3.31
CA GLY A 45 21.19 -3.21 -4.16
C GLY A 45 21.73 -3.54 -5.56
N ARG A 46 22.99 -3.15 -5.83
CA ARG A 46 23.60 -3.33 -7.14
C ARG A 46 23.89 -4.80 -7.35
N VAL A 47 24.04 -5.20 -8.63
CA VAL A 47 24.19 -6.60 -9.01
C VAL A 47 25.04 -6.69 -10.28
N ASN A 48 25.34 -7.92 -10.70
CA ASN A 48 26.10 -8.16 -11.92
C ASN A 48 25.19 -8.66 -13.02
N ILE A 49 25.42 -8.10 -14.23
CA ILE A 49 24.56 -8.34 -15.38
C ILE A 49 25.41 -8.93 -16.49
N VAL A 50 24.83 -9.91 -17.20
CA VAL A 50 25.45 -10.46 -18.39
C VAL A 50 24.35 -10.70 -19.42
N ASP A 51 24.48 -10.07 -20.61
CA ASP A 51 23.57 -10.26 -21.71
C ASP A 51 22.15 -9.84 -21.33
N GLY A 52 22.04 -8.79 -20.51
CA GLY A 52 20.76 -8.25 -20.09
C GLY A 52 20.05 -9.08 -19.01
N GLN A 53 20.73 -10.09 -18.47
CA GLN A 53 20.14 -10.97 -17.46
C GLN A 53 20.94 -10.87 -16.18
N VAL A 54 20.25 -11.02 -15.05
CA VAL A 54 20.91 -11.00 -13.76
C VAL A 54 21.72 -12.29 -13.67
N VAL A 55 22.87 -12.22 -12.99
CA VAL A 55 23.79 -13.35 -12.95
C VAL A 55 23.28 -14.35 -11.92
N ILE A 56 23.02 -15.58 -12.37
CA ILE A 56 22.55 -16.67 -11.52
C ILE A 56 23.68 -17.70 -11.39
N GLU A 57 24.32 -17.73 -10.22
CA GLU A 57 25.41 -18.63 -9.93
C GLU A 57 24.84 -19.98 -9.54
N ASP A 58 25.63 -21.05 -9.73
CA ASP A 58 25.30 -22.36 -9.16
C ASP A 58 25.38 -22.22 -7.65
N ALA A 59 24.32 -22.69 -6.96
CA ALA A 59 23.96 -22.18 -5.64
C ALA A 59 24.78 -22.85 -4.54
N ALA A 60 25.03 -24.15 -4.72
CA ALA A 60 25.73 -24.96 -3.73
C ALA A 60 27.23 -24.69 -3.81
N ARG A 61 27.59 -23.42 -3.63
CA ARG A 61 28.98 -22.98 -3.58
C ARG A 61 29.12 -21.91 -2.52
N ILE A 62 28.14 -21.85 -1.61
CA ILE A 62 28.22 -21.05 -0.41
C ILE A 62 27.80 -21.91 0.80
N GLY A 63 27.50 -23.19 0.55
CA GLY A 63 26.92 -24.06 1.55
C GLY A 63 26.59 -25.43 0.97
N ASP A 64 26.40 -26.42 1.86
CA ASP A 64 25.74 -27.67 1.50
C ASP A 64 24.24 -27.49 1.67
N GLN A 65 23.84 -26.68 2.66
CA GLN A 65 22.44 -26.33 2.88
C GLN A 65 22.22 -24.84 2.70
N PRO A 66 20.97 -24.38 2.39
CA PRO A 66 20.64 -22.96 2.29
C PRO A 66 20.88 -22.17 3.58
N PRO A 67 21.63 -21.05 3.54
CA PRO A 67 21.91 -20.30 4.76
C PRO A 67 20.68 -19.56 5.28
N GLU A 68 20.83 -18.96 6.47
CA GLU A 68 19.75 -18.31 7.21
C GLU A 68 19.44 -16.93 6.64
N HIS A 69 20.47 -16.25 6.11
CA HIS A 69 20.36 -14.87 5.63
C HIS A 69 19.80 -14.85 4.20
N ALA A 70 19.67 -16.02 3.58
CA ALA A 70 19.19 -16.15 2.22
C ALA A 70 17.66 -16.05 2.17
N VAL A 71 17.15 -15.64 0.99
CA VAL A 71 15.73 -15.43 0.74
C VAL A 71 15.34 -16.18 -0.51
N PHE A 72 14.33 -17.06 -0.36
CA PHE A 72 13.84 -17.87 -1.47
C PHE A 72 12.92 -17.04 -2.36
N LEU A 73 13.23 -17.00 -3.65
CA LEU A 73 12.52 -16.14 -4.59
C LEU A 73 11.56 -16.93 -5.44
N GLY A 74 11.74 -18.26 -5.52
CA GLY A 74 10.81 -19.11 -6.24
C GLY A 74 11.51 -19.93 -7.33
N ARG A 75 10.77 -20.23 -8.40
CA ARG A 75 11.20 -21.13 -9.46
C ARG A 75 11.28 -20.37 -10.78
N ILE A 76 12.36 -20.58 -11.51
CA ILE A 76 12.47 -20.04 -12.86
C ILE A 76 11.76 -21.01 -13.81
N PRO A 77 11.48 -20.60 -15.07
CA PRO A 77 10.96 -21.53 -16.09
C PRO A 77 11.92 -22.68 -16.31
N GLY A 78 11.50 -23.87 -15.86
CA GLY A 78 12.37 -25.04 -15.78
C GLY A 78 12.00 -25.83 -14.54
N GLY A 79 12.00 -25.17 -13.38
CA GLY A 79 11.69 -25.80 -12.11
C GLY A 79 12.75 -25.50 -11.06
N ARG A 80 13.84 -24.85 -11.47
CA ARG A 80 14.99 -24.61 -10.63
C ARG A 80 14.70 -23.52 -9.59
N HIS A 81 14.90 -23.85 -8.31
CA HIS A 81 14.85 -22.87 -7.24
C HIS A 81 15.88 -21.77 -7.48
N VAL A 82 15.60 -20.58 -6.93
CA VAL A 82 16.45 -19.41 -7.07
C VAL A 82 16.38 -18.65 -5.75
N TRP A 83 17.56 -18.23 -5.25
CA TRP A 83 17.67 -17.60 -3.95
C TRP A 83 18.44 -16.30 -4.11
N ALA A 84 18.38 -15.44 -3.09
CA ALA A 84 19.18 -14.23 -3.07
C ALA A 84 19.92 -14.14 -1.74
N VAL A 85 21.16 -13.67 -1.79
CA VAL A 85 21.91 -13.35 -0.59
C VAL A 85 22.45 -11.94 -0.77
N ARG A 86 22.72 -11.27 0.35
CA ARG A 86 23.65 -10.14 0.38
C ARG A 86 25.07 -10.67 0.46
N ALA A 87 25.99 -9.99 -0.24
CA ALA A 87 27.42 -10.24 -0.15
C ALA A 87 28.18 -9.01 -0.66
N ASP A 88 29.43 -8.83 -0.24
CA ASP A 88 30.22 -7.72 -0.79
C ASP A 88 30.70 -8.14 -2.17
N LEU A 89 30.64 -7.20 -3.13
CA LEU A 89 30.96 -7.48 -4.52
C LEU A 89 32.10 -6.56 -4.95
N ASP A 90 33.01 -7.06 -5.79
CA ASP A 90 34.12 -6.22 -6.20
C ASP A 90 33.66 -5.19 -7.24
N GLU A 91 33.79 -3.93 -6.86
CA GLU A 91 33.33 -2.78 -7.63
C GLU A 91 34.22 -2.59 -8.87
N ASP A 92 35.47 -3.09 -8.81
CA ASP A 92 36.44 -2.76 -9.83
C ASP A 92 36.63 -3.94 -10.79
N SER A 93 36.04 -5.10 -10.49
CA SER A 93 36.31 -6.29 -11.30
C SER A 93 35.19 -6.60 -12.29
N ALA A 94 34.12 -5.81 -12.25
CA ALA A 94 32.95 -6.03 -13.07
C ALA A 94 31.95 -4.89 -12.82
N PRO A 95 31.20 -4.45 -13.86
CA PRO A 95 30.21 -3.37 -13.68
C PRO A 95 29.06 -3.84 -12.82
N LEU A 96 28.70 -3.00 -11.84
CA LEU A 96 27.62 -3.25 -10.91
C LEU A 96 26.43 -2.38 -11.31
N LEU A 97 25.31 -3.02 -11.64
CA LEU A 97 24.15 -2.29 -12.09
C LEU A 97 23.08 -2.30 -11.00
N ASP A 98 22.54 -1.10 -10.76
CA ASP A 98 21.41 -0.86 -9.88
C ASP A 98 20.13 -0.65 -10.70
N LEU A 99 19.00 -1.01 -10.10
CA LEU A 99 17.76 -1.13 -10.84
C LEU A 99 17.22 0.24 -11.25
N ARG A 100 17.47 1.26 -10.41
CA ARG A 100 16.80 2.55 -10.55
C ARG A 100 17.30 3.28 -11.80
N ARG A 101 18.58 3.10 -12.15
CA ARG A 101 19.18 3.81 -13.27
C ARG A 101 19.35 2.91 -14.48
N SER A 102 19.16 1.60 -14.33
CA SER A 102 19.49 0.67 -15.39
C SER A 102 18.48 -0.46 -15.53
N GLY A 103 17.32 -0.36 -14.87
CA GLY A 103 16.31 -1.41 -14.93
C GLY A 103 15.87 -1.76 -16.35
N GLN A 104 15.90 -0.77 -17.25
CA GLN A 104 15.44 -0.96 -18.62
C GLN A 104 16.40 -1.87 -19.40
N LEU A 105 17.63 -2.08 -18.92
CA LEU A 105 18.58 -2.95 -19.60
C LEU A 105 18.32 -4.42 -19.27
N PHE A 106 17.46 -4.71 -18.29
CA PHE A 106 17.24 -6.07 -17.83
C PHE A 106 16.04 -6.69 -18.54
N ASP A 107 16.03 -8.01 -18.68
CA ASP A 107 14.83 -8.70 -19.14
C ASP A 107 13.79 -8.63 -18.03
N ASP A 108 12.53 -8.88 -18.36
CA ASP A 108 11.44 -8.67 -17.43
C ASP A 108 11.62 -9.55 -16.19
N THR A 109 11.91 -10.84 -16.39
CA THR A 109 12.12 -11.77 -15.29
C THR A 109 13.23 -11.29 -14.35
N SER A 110 14.39 -10.94 -14.91
CA SER A 110 15.52 -10.52 -14.10
C SER A 110 15.15 -9.30 -13.25
N ALA A 111 14.31 -8.42 -13.80
CA ALA A 111 13.89 -7.20 -13.14
C ALA A 111 12.98 -7.51 -11.95
N ALA A 112 12.10 -8.51 -12.13
CA ALA A 112 11.22 -8.95 -11.06
C ALA A 112 12.05 -9.53 -9.92
N LEU A 113 12.89 -10.51 -10.26
CA LEU A 113 13.80 -11.15 -9.32
C LEU A 113 14.53 -10.07 -8.53
N LEU A 114 15.12 -9.10 -9.24
CA LEU A 114 15.98 -8.13 -8.58
C LEU A 114 15.16 -7.22 -7.67
N ALA A 115 13.99 -6.79 -8.13
CA ALA A 115 13.13 -5.90 -7.36
C ALA A 115 12.69 -6.59 -6.07
N THR A 116 12.26 -7.85 -6.17
CA THR A 116 11.89 -8.63 -5.00
C THR A 116 13.10 -8.75 -4.06
N ALA A 117 14.22 -9.24 -4.59
CA ALA A 117 15.40 -9.50 -3.79
C ALA A 117 15.84 -8.23 -3.07
N MET A 118 15.82 -7.12 -3.80
CA MET A 118 16.31 -5.86 -3.30
C MET A 118 15.45 -5.39 -2.13
N ALA A 119 14.12 -5.54 -2.22
CA ALA A 119 13.23 -5.04 -1.17
C ALA A 119 13.27 -5.95 0.06
N MET A 120 13.35 -7.26 -0.15
CA MET A 120 13.42 -8.22 0.93
C MET A 120 14.70 -8.05 1.72
N LEU A 121 15.86 -8.07 1.04
CA LEU A 121 17.13 -7.98 1.75
C LEU A 121 17.19 -6.67 2.52
N ALA A 122 16.69 -5.59 1.92
CA ALA A 122 16.72 -4.31 2.62
C ALA A 122 15.85 -4.39 3.88
N TRP A 123 14.72 -5.13 3.78
CA TRP A 123 13.80 -5.31 4.89
C TRP A 123 14.49 -6.03 6.05
N HIS A 124 15.08 -7.21 5.78
CA HIS A 124 15.83 -7.91 6.81
C HIS A 124 16.82 -6.97 7.49
N ASP A 125 17.57 -6.20 6.70
CA ASP A 125 18.56 -5.30 7.28
C ASP A 125 17.90 -4.28 8.22
N ASN A 126 16.58 -4.05 8.11
CA ASN A 126 15.91 -3.08 8.99
C ASN A 126 14.81 -3.74 9.80
N ALA A 127 14.93 -5.03 10.12
CA ALA A 127 13.90 -5.71 10.89
C ALA A 127 14.51 -6.79 11.77
N GLY A 128 15.65 -6.49 12.38
CA GLY A 128 16.34 -7.44 13.23
C GLY A 128 15.80 -7.41 14.66
N TYR A 129 14.84 -6.51 14.92
CA TYR A 129 14.26 -6.31 16.24
C TYR A 129 12.76 -6.07 16.11
N SER A 130 11.99 -6.58 17.09
CA SER A 130 10.56 -6.29 17.14
C SER A 130 10.35 -4.82 17.46
N PRO A 131 9.49 -4.11 16.70
CA PRO A 131 9.07 -2.75 17.04
C PRO A 131 8.10 -2.71 18.22
N VAL A 132 7.60 -3.91 18.57
CA VAL A 132 6.58 -4.06 19.59
C VAL A 132 7.24 -3.93 20.96
N ASP A 133 8.19 -4.83 21.25
CA ASP A 133 8.82 -4.97 22.55
C ASP A 133 10.31 -4.59 22.49
N GLY A 134 11.04 -5.04 21.46
CA GLY A 134 12.45 -4.77 21.31
C GLY A 134 13.29 -6.03 21.08
N SER A 135 12.69 -7.21 21.19
CA SER A 135 13.47 -8.44 21.19
C SER A 135 14.21 -8.61 19.85
N PRO A 136 15.40 -9.22 19.80
CA PRO A 136 15.94 -9.73 18.52
C PRO A 136 14.89 -10.55 17.77
N THR A 137 15.03 -10.65 16.43
CA THR A 137 14.15 -11.45 15.58
C THR A 137 15.02 -12.37 14.73
N ILE A 138 14.45 -13.46 14.17
CA ILE A 138 15.23 -14.47 13.48
C ILE A 138 14.56 -14.85 12.16
N PRO A 139 15.28 -14.86 11.02
CA PRO A 139 14.69 -15.31 9.76
C PRO A 139 14.03 -16.69 9.88
N ALA A 140 12.93 -16.88 9.14
CA ALA A 140 12.32 -18.20 8.98
C ALA A 140 11.54 -18.28 7.67
N LYS A 141 11.23 -19.52 7.28
CA LYS A 141 10.34 -19.81 6.16
C LYS A 141 10.86 -19.16 4.89
N GLY A 142 12.06 -19.60 4.48
CA GLY A 142 12.71 -19.12 3.26
C GLY A 142 13.02 -17.62 3.30
N GLY A 143 13.00 -17.02 4.50
CA GLY A 143 13.30 -15.61 4.64
C GLY A 143 12.07 -14.71 4.50
N TRP A 144 10.86 -15.29 4.56
CA TRP A 144 9.66 -14.49 4.34
C TRP A 144 9.03 -13.97 5.63
N VAL A 145 9.48 -14.47 6.78
CA VAL A 145 9.12 -13.88 8.06
C VAL A 145 10.39 -13.76 8.90
N ARG A 146 10.33 -12.88 9.91
CA ARG A 146 11.25 -12.95 11.02
C ARG A 146 10.47 -13.17 12.32
N VAL A 147 10.84 -14.22 13.06
CA VAL A 147 10.19 -14.59 14.31
C VAL A 147 10.88 -13.90 15.48
N ASN A 148 10.06 -13.36 16.39
CA ASN A 148 10.52 -12.79 17.64
C ASN A 148 11.11 -13.89 18.53
N SER A 149 12.16 -13.57 19.30
CA SER A 149 12.92 -14.54 20.07
C SER A 149 12.22 -14.88 21.39
N ALA A 150 11.80 -13.82 22.09
CA ALA A 150 11.01 -13.93 23.31
C ALA A 150 9.65 -14.59 23.06
N THR A 151 8.78 -13.94 22.25
CA THR A 151 7.35 -14.23 22.21
C THR A 151 6.95 -15.17 21.08
N GLY A 152 7.77 -15.35 20.04
CA GLY A 152 7.41 -16.22 18.93
C GLY A 152 6.52 -15.53 17.87
N GLN A 153 6.22 -14.24 18.08
CA GLN A 153 5.40 -13.49 17.15
C GLN A 153 6.13 -13.25 15.82
N GLU A 154 5.40 -13.40 14.70
CA GLU A 154 5.94 -13.18 13.37
C GLU A 154 5.88 -11.70 12.97
N GLU A 155 6.95 -11.21 12.37
CA GLU A 155 6.98 -9.90 11.70
C GLU A 155 7.13 -10.14 10.19
N PHE A 156 6.54 -9.24 9.40
CA PHE A 156 6.38 -9.41 7.96
C PHE A 156 6.96 -8.22 7.19
N PRO A 157 7.45 -8.45 5.94
CA PRO A 157 7.94 -7.39 5.05
C PRO A 157 6.98 -6.20 4.94
N ARG A 158 7.56 -5.00 4.89
CA ARG A 158 6.82 -3.76 4.86
C ARG A 158 6.92 -3.07 3.49
N THR A 159 5.78 -2.93 2.80
CA THR A 159 5.69 -2.15 1.57
C THR A 159 4.78 -0.94 1.82
N ASP A 160 5.31 0.27 1.69
CA ASP A 160 4.59 1.51 1.95
C ASP A 160 3.90 2.01 0.67
N PRO A 161 2.57 2.19 0.66
CA PRO A 161 1.88 2.63 -0.56
C PRO A 161 1.98 4.14 -0.74
N ALA A 162 2.13 4.57 -2.00
CA ALA A 162 2.22 5.98 -2.36
C ALA A 162 1.48 6.23 -3.67
N ILE A 163 0.85 7.40 -3.80
CA ILE A 163 0.11 7.70 -5.01
C ILE A 163 0.97 8.60 -5.89
N ILE A 164 0.74 8.54 -7.21
CA ILE A 164 1.24 9.53 -8.14
C ILE A 164 0.15 9.85 -9.16
N CYS A 165 -0.10 11.15 -9.39
CA CYS A 165 -1.29 11.60 -10.05
C CYS A 165 -1.00 12.64 -11.14
N LEU A 166 -1.63 12.44 -12.31
CA LEU A 166 -1.70 13.41 -13.38
C LEU A 166 -3.05 14.12 -13.32
N VAL A 167 -3.02 15.40 -12.96
CA VAL A 167 -4.19 16.27 -12.99
C VAL A 167 -4.32 16.87 -14.39
N HIS A 168 -5.51 16.69 -15.00
CA HIS A 168 -5.79 17.25 -16.32
C HIS A 168 -7.15 17.93 -16.30
N ASP A 169 -7.42 18.72 -17.35
CA ASP A 169 -8.61 19.57 -17.41
C ASP A 169 -9.80 18.84 -18.03
N GLY A 170 -9.62 17.58 -18.44
CA GLY A 170 -10.69 16.82 -19.07
C GLY A 170 -10.52 16.80 -20.58
N GLY A 171 -9.65 17.69 -21.09
CA GLY A 171 -9.33 17.77 -22.51
C GLY A 171 -7.82 17.70 -22.75
N ASP A 172 -7.21 18.86 -23.07
CA ASP A 172 -5.91 18.89 -23.73
C ASP A 172 -4.83 19.53 -22.85
N ARG A 173 -5.08 19.71 -21.54
CA ARG A 173 -4.12 20.37 -20.66
C ARG A 173 -3.90 19.58 -19.37
N ALA A 174 -2.65 19.60 -18.87
CA ALA A 174 -2.26 18.79 -17.72
C ALA A 174 -1.29 19.54 -16.81
N VAL A 175 -1.41 19.28 -15.49
CA VAL A 175 -0.56 19.91 -14.50
C VAL A 175 0.72 19.10 -14.35
N LEU A 176 1.86 19.80 -14.38
CA LEU A 176 3.13 19.23 -14.00
C LEU A 176 3.79 20.24 -13.07
N GLY A 177 4.64 19.72 -12.17
CA GLY A 177 5.20 20.53 -11.09
C GLY A 177 6.66 20.22 -10.85
N ARG A 178 7.36 21.23 -10.31
CA ARG A 178 8.79 21.16 -10.04
C ARG A 178 9.01 21.32 -8.54
N GLN A 179 9.73 20.35 -7.96
CA GLN A 179 10.10 20.40 -6.55
C GLN A 179 11.33 21.28 -6.38
N LYS A 180 11.39 22.00 -5.26
CA LYS A 180 12.46 22.94 -4.99
C LYS A 180 13.83 22.26 -5.04
N PHE A 181 13.90 20.95 -4.71
CA PHE A 181 15.16 20.27 -4.55
C PHE A 181 15.60 19.58 -5.84
N TRP A 182 14.88 19.84 -6.95
CA TRP A 182 15.25 19.33 -8.26
C TRP A 182 15.99 20.41 -9.04
N PRO A 183 16.85 20.06 -10.03
CA PRO A 183 17.36 21.02 -10.98
C PRO A 183 16.19 21.77 -11.65
N GLU A 184 16.50 22.90 -12.28
CA GLU A 184 15.49 23.68 -12.98
C GLU A 184 15.04 22.91 -14.23
N ARG A 185 13.95 23.39 -14.85
CA ARG A 185 13.41 22.86 -16.10
C ARG A 185 13.01 21.39 -15.98
N MET A 186 12.75 20.94 -14.75
CA MET A 186 12.66 19.52 -14.42
C MET A 186 11.33 19.29 -13.71
N PHE A 187 10.35 18.71 -14.41
CA PHE A 187 8.99 18.61 -13.88
C PHE A 187 8.55 17.15 -13.83
N SER A 188 7.52 16.89 -13.02
CA SER A 188 6.83 15.62 -13.07
C SER A 188 5.42 15.75 -12.52
N LEU A 189 4.81 14.59 -12.26
CA LEU A 189 3.52 14.50 -11.60
C LEU A 189 3.65 14.84 -10.11
N LEU A 190 2.50 14.88 -9.44
CA LEU A 190 2.39 15.07 -8.00
C LEU A 190 2.32 13.71 -7.33
N ALA A 191 3.04 13.56 -6.22
CA ALA A 191 3.06 12.28 -5.53
C ALA A 191 2.96 12.53 -4.02
N GLY A 192 2.60 11.45 -3.31
CA GLY A 192 2.47 11.49 -1.85
C GLY A 192 2.39 10.07 -1.29
N PHE A 193 2.77 9.93 -0.02
CA PHE A 193 2.52 8.70 0.71
C PHE A 193 1.09 8.68 1.20
N VAL A 194 0.51 7.48 1.25
CA VAL A 194 -0.80 7.27 1.85
C VAL A 194 -0.67 7.28 3.37
N GLU A 195 -1.42 8.16 4.02
CA GLU A 195 -1.48 8.19 5.47
C GLU A 195 -2.50 7.17 5.96
N ALA A 196 -2.41 6.83 7.26
CA ALA A 196 -3.38 5.97 7.92
C ALA A 196 -4.73 6.69 8.01
N GLY A 197 -5.81 5.94 7.74
CA GLY A 197 -7.16 6.43 7.92
C GLY A 197 -7.71 7.14 6.68
N GLU A 198 -7.05 6.99 5.53
CA GLU A 198 -7.57 7.56 4.30
C GLU A 198 -7.53 6.54 3.17
N SER A 199 -8.48 6.71 2.25
CA SER A 199 -8.54 5.96 1.01
C SER A 199 -7.49 6.52 0.05
N LEU A 200 -7.14 5.75 -0.99
CA LEU A 200 -6.30 6.23 -2.07
C LEU A 200 -6.90 7.50 -2.67
N GLU A 201 -8.22 7.49 -2.91
CA GLU A 201 -8.88 8.59 -3.58
C GLU A 201 -8.80 9.87 -2.74
N ALA A 202 -8.93 9.74 -1.42
CA ALA A 202 -8.76 10.86 -0.51
C ALA A 202 -7.30 11.32 -0.47
N CYS A 203 -6.38 10.36 -0.51
CA CYS A 203 -4.96 10.66 -0.50
C CYS A 203 -4.57 11.49 -1.73
N VAL A 204 -5.10 11.13 -2.90
CA VAL A 204 -4.83 11.88 -4.12
C VAL A 204 -5.34 13.31 -3.96
N ALA A 205 -6.62 13.47 -3.62
CA ALA A 205 -7.23 14.80 -3.48
C ALA A 205 -6.49 15.64 -2.44
N ARG A 206 -6.08 15.00 -1.33
CA ARG A 206 -5.34 15.68 -0.27
C ARG A 206 -3.98 16.15 -0.80
N GLU A 207 -3.18 15.23 -1.36
CA GLU A 207 -1.83 15.60 -1.76
C GLU A 207 -1.87 16.65 -2.86
N VAL A 208 -2.79 16.53 -3.82
CA VAL A 208 -2.92 17.53 -4.87
C VAL A 208 -3.18 18.88 -4.21
N ALA A 209 -4.14 18.94 -3.29
CA ALA A 209 -4.50 20.18 -2.62
C ALA A 209 -3.31 20.77 -1.85
N GLU A 210 -2.56 19.92 -1.14
CA GLU A 210 -1.40 20.39 -0.40
C GLU A 210 -0.42 21.06 -1.37
N GLU A 211 -0.02 20.31 -2.41
CA GLU A 211 1.17 20.64 -3.17
C GLU A 211 0.92 21.82 -4.12
N VAL A 212 -0.24 21.89 -4.77
CA VAL A 212 -0.48 22.93 -5.77
C VAL A 212 -1.80 23.69 -5.54
N GLY A 213 -2.65 23.24 -4.60
CA GLY A 213 -3.78 24.03 -4.15
C GLY A 213 -5.02 23.87 -5.04
N LEU A 214 -5.06 22.82 -5.86
CA LEU A 214 -6.21 22.56 -6.70
C LEU A 214 -7.16 21.61 -5.98
N THR A 215 -8.46 21.77 -6.27
CA THR A 215 -9.49 20.81 -5.91
C THR A 215 -9.73 19.90 -7.12
N VAL A 216 -9.69 18.57 -6.91
CA VAL A 216 -9.75 17.65 -8.03
C VAL A 216 -10.92 16.68 -7.83
N THR A 217 -11.47 16.16 -8.95
CA THR A 217 -12.52 15.15 -8.92
C THR A 217 -12.22 14.05 -9.94
N ASP A 218 -13.08 13.02 -9.95
CA ASP A 218 -13.01 11.90 -10.89
C ASP A 218 -11.62 11.25 -10.83
N VAL A 219 -11.20 10.89 -9.61
CA VAL A 219 -9.91 10.27 -9.37
C VAL A 219 -9.96 8.82 -9.82
N GLN A 220 -9.10 8.44 -10.76
CA GLN A 220 -9.15 7.11 -11.38
C GLN A 220 -7.77 6.45 -11.46
N TYR A 221 -7.72 5.20 -10.98
CA TYR A 221 -6.57 4.33 -11.06
C TYR A 221 -6.20 3.97 -12.50
N LEU A 222 -4.88 4.00 -12.75
CA LEU A 222 -4.28 3.67 -14.04
C LEU A 222 -3.45 2.39 -13.94
N GLY A 223 -2.67 2.25 -12.87
CA GLY A 223 -1.89 1.06 -12.63
C GLY A 223 -0.97 1.20 -11.42
N SER A 224 -0.04 0.25 -11.29
CA SER A 224 0.81 0.12 -10.11
C SER A 224 2.18 -0.43 -10.49
N GLN A 225 3.16 -0.13 -9.64
CA GLN A 225 4.56 -0.47 -9.90
C GLN A 225 5.30 -0.66 -8.58
N PRO A 226 5.99 -1.81 -8.37
CA PRO A 226 6.86 -1.99 -7.21
C PRO A 226 7.97 -0.94 -7.29
N TRP A 227 8.35 -0.37 -6.13
CA TRP A 227 9.31 0.73 -6.12
C TRP A 227 10.27 0.62 -4.93
N PRO A 228 11.19 -0.38 -4.95
CA PRO A 228 12.02 -0.69 -3.79
C PRO A 228 13.19 0.24 -3.50
N PHE A 229 12.87 1.50 -3.25
CA PHE A 229 13.91 2.51 -3.08
C PHE A 229 13.60 3.36 -1.84
N PRO A 230 13.56 2.76 -0.62
CA PRO A 230 13.78 1.33 -0.42
C PRO A 230 12.60 0.37 -0.40
N ARG A 231 11.36 0.87 -0.17
CA ARG A 231 10.28 -0.07 0.13
C ARG A 231 8.89 0.43 -0.27
N SER A 232 8.73 1.07 -1.42
CA SER A 232 7.44 1.64 -1.79
C SER A 232 6.72 0.76 -2.80
N ILE A 233 5.41 1.01 -2.97
CA ILE A 233 4.69 0.64 -4.17
C ILE A 233 3.98 1.90 -4.64
N MET A 234 4.12 2.20 -5.93
CA MET A 234 3.57 3.42 -6.51
C MET A 234 2.25 3.08 -7.21
N LEU A 235 1.22 3.88 -6.94
CA LEU A 235 -0.11 3.64 -7.46
C LEU A 235 -0.55 4.84 -8.30
N GLY A 236 -0.70 4.59 -9.61
CA GLY A 236 -0.89 5.67 -10.56
C GLY A 236 -2.37 6.04 -10.73
N PHE A 237 -2.61 7.35 -10.78
CA PHE A 237 -3.96 7.90 -10.92
C PHE A 237 -3.95 9.08 -11.89
N HIS A 238 -5.10 9.37 -12.50
CA HIS A 238 -5.39 10.69 -13.06
C HIS A 238 -6.61 11.30 -12.37
N ALA A 239 -6.72 12.63 -12.44
CA ALA A 239 -7.84 13.35 -11.87
C ALA A 239 -8.08 14.65 -12.64
N ILE A 240 -9.30 15.17 -12.50
CA ILE A 240 -9.75 16.36 -13.22
C ILE A 240 -9.65 17.56 -12.30
N GLY A 241 -9.01 18.62 -12.79
CA GLY A 241 -8.96 19.90 -12.10
C GLY A 241 -9.46 21.02 -13.00
N ASP A 242 -9.61 22.22 -12.42
CA ASP A 242 -10.14 23.36 -13.16
C ASP A 242 -9.02 24.37 -13.34
N PRO A 243 -8.62 24.70 -14.59
CA PRO A 243 -7.57 25.70 -14.81
C PRO A 243 -7.86 27.12 -14.33
N SER A 244 -9.14 27.45 -14.14
CA SER A 244 -9.53 28.80 -13.75
C SER A 244 -9.25 29.05 -12.26
N GLN A 245 -9.13 27.97 -11.48
CA GLN A 245 -8.75 28.06 -10.07
C GLN A 245 -7.24 28.27 -9.98
N PRO A 246 -6.74 29.36 -9.35
CA PRO A 246 -5.31 29.65 -9.36
C PRO A 246 -4.52 28.69 -8.48
N PHE A 247 -3.21 28.58 -8.76
CA PHE A 247 -2.32 27.70 -8.02
C PHE A 247 -2.08 28.29 -6.63
N ALA A 248 -1.45 27.49 -5.76
CA ALA A 248 -1.13 27.90 -4.39
C ALA A 248 -0.24 26.86 -3.72
N PHE A 249 0.99 27.25 -3.37
CA PHE A 249 1.99 26.30 -2.91
C PHE A 249 2.07 26.36 -1.37
N ASN A 250 1.23 25.55 -0.71
CA ASN A 250 0.95 25.61 0.72
C ASN A 250 1.88 24.68 1.50
N ASP A 251 1.83 23.39 1.14
CA ASP A 251 2.88 22.43 1.40
C ASP A 251 3.97 22.72 0.37
N GLY A 252 4.88 23.64 0.73
CA GLY A 252 5.83 24.19 -0.22
C GLY A 252 6.92 23.20 -0.57
N GLU A 253 6.52 22.02 -1.07
CA GLU A 253 7.46 21.12 -1.71
C GLU A 253 7.65 21.59 -3.15
N ILE A 254 6.61 22.23 -3.72
CA ILE A 254 6.55 22.60 -5.12
C ILE A 254 7.04 24.03 -5.29
N ALA A 255 8.11 24.22 -6.09
CA ALA A 255 8.64 25.52 -6.44
C ALA A 255 7.74 26.21 -7.47
N GLU A 256 7.41 25.48 -8.55
CA GLU A 256 6.59 26.03 -9.61
C GLU A 256 5.83 24.91 -10.32
N ALA A 257 4.80 25.32 -11.06
CA ALA A 257 3.92 24.41 -11.78
C ALA A 257 3.10 25.21 -12.78
N ASP A 258 2.51 24.51 -13.76
CA ASP A 258 1.66 25.15 -14.75
C ASP A 258 0.91 24.05 -15.48
N TRP A 259 -0.09 24.46 -16.26
CA TRP A 259 -0.77 23.57 -17.19
C TRP A 259 0.00 23.56 -18.51
N PHE A 260 0.16 22.35 -19.09
CA PHE A 260 0.85 22.16 -20.36
C PHE A 260 -0.08 21.47 -21.35
N THR A 261 0.17 21.70 -22.65
CA THR A 261 -0.62 21.09 -23.71
C THR A 261 -0.02 19.73 -24.03
N ARG A 262 -0.85 18.86 -24.62
CA ARG A 262 -0.38 17.60 -25.14
C ARG A 262 0.83 17.82 -26.04
N ALA A 263 0.74 18.78 -26.96
CA ALA A 263 1.83 19.13 -27.86
C ALA A 263 3.12 19.40 -27.09
N GLU A 264 3.05 20.30 -26.10
CA GLU A 264 4.20 20.68 -25.30
C GLU A 264 4.84 19.46 -24.65
N VAL A 265 4.00 18.52 -24.19
CA VAL A 265 4.47 17.36 -23.43
C VAL A 265 5.17 16.38 -24.37
N ARG A 266 4.57 16.12 -25.53
CA ARG A 266 5.18 15.27 -26.55
C ARG A 266 6.58 15.78 -26.91
N SER A 267 6.70 17.09 -27.16
CA SER A 267 7.98 17.72 -27.46
C SER A 267 9.00 17.47 -26.35
N ALA A 268 8.54 17.57 -25.10
CA ALA A 268 9.40 17.39 -23.93
C ALA A 268 9.84 15.92 -23.79
N LEU A 269 8.91 15.01 -24.07
CA LEU A 269 9.15 13.57 -23.99
C LEU A 269 10.18 13.17 -25.05
N GLU A 270 10.05 13.74 -26.26
CA GLU A 270 10.89 13.39 -27.40
C GLU A 270 12.29 13.97 -27.25
N ALA A 271 12.47 14.95 -26.34
CA ALA A 271 13.79 15.49 -26.03
C ALA A 271 14.53 14.65 -24.98
N GLY A 272 13.80 13.77 -24.26
CA GLY A 272 14.41 12.79 -23.37
C GLY A 272 13.77 12.77 -21.98
N ASP A 273 14.61 12.52 -20.97
CA ASP A 273 14.16 12.32 -19.60
C ASP A 273 15.00 13.19 -18.66
N TRP A 274 14.99 12.85 -17.37
CA TRP A 274 15.69 13.62 -16.34
C TRP A 274 17.21 13.54 -16.47
N THR A 275 17.70 12.54 -17.23
CA THR A 275 19.11 12.23 -17.27
C THR A 275 19.74 12.69 -18.59
N THR A 276 18.97 13.33 -19.49
CA THR A 276 19.46 13.78 -20.80
C THR A 276 19.95 15.23 -20.70
N ALA A 277 21.11 15.53 -21.30
CA ALA A 277 21.59 16.90 -21.49
C ALA A 277 21.01 17.46 -22.80
N SER A 278 20.25 18.56 -22.69
CA SER A 278 19.58 19.13 -23.85
C SER A 278 19.17 20.59 -23.64
N ASP A 279 18.52 21.12 -24.68
CA ASP A 279 18.18 22.52 -24.82
C ASP A 279 16.90 22.84 -24.04
N SER A 280 16.09 21.82 -23.77
CA SER A 280 14.65 21.95 -23.53
C SER A 280 14.34 22.52 -22.13
N ARG A 281 13.30 23.39 -22.08
CA ARG A 281 12.94 24.13 -20.88
C ARG A 281 11.99 23.31 -20.01
N LEU A 282 11.61 22.12 -20.51
CA LEU A 282 10.84 21.13 -19.78
C LEU A 282 11.41 19.75 -20.09
N MET A 283 11.91 19.06 -19.07
CA MET A 283 12.37 17.68 -19.21
C MET A 283 11.62 16.82 -18.19
N LEU A 284 11.39 15.55 -18.56
CA LEU A 284 10.48 14.68 -17.81
C LEU A 284 11.19 13.44 -17.27
N PRO A 285 10.56 12.65 -16.37
CA PRO A 285 11.21 11.53 -15.69
C PRO A 285 11.64 10.35 -16.55
N GLY A 286 12.64 9.61 -16.03
CA GLY A 286 13.15 8.39 -16.65
C GLY A 286 12.09 7.31 -16.76
N SER A 287 12.13 6.57 -17.87
CA SER A 287 11.08 5.64 -18.25
C SER A 287 10.96 4.52 -17.23
N ILE A 288 11.96 4.37 -16.36
CA ILE A 288 11.83 3.49 -15.22
C ILE A 288 10.51 3.80 -14.47
N SER A 289 10.20 5.08 -14.27
CA SER A 289 9.07 5.47 -13.41
C SER A 289 7.73 5.28 -14.13
N ILE A 290 6.71 4.84 -13.39
CA ILE A 290 5.35 4.79 -13.90
C ILE A 290 4.88 6.20 -14.23
N ALA A 291 5.51 7.22 -13.64
CA ALA A 291 5.13 8.61 -13.91
C ALA A 291 5.26 8.93 -15.40
N ARG A 292 6.36 8.47 -16.01
CA ARG A 292 6.61 8.74 -17.42
C ARG A 292 5.58 8.00 -18.26
N GLU A 293 5.23 6.78 -17.87
CA GLU A 293 4.26 5.99 -18.62
C GLU A 293 2.89 6.66 -18.59
N ILE A 294 2.56 7.34 -17.50
CA ILE A 294 1.26 7.95 -17.33
C ILE A 294 1.20 9.17 -18.24
N VAL A 295 2.25 10.00 -18.19
CA VAL A 295 2.31 11.21 -18.99
C VAL A 295 2.22 10.86 -20.47
N GLU A 296 2.99 9.85 -20.88
CA GLU A 296 3.07 9.41 -22.27
C GLU A 296 1.72 8.91 -22.73
N SER A 297 1.06 8.12 -21.87
CA SER A 297 -0.21 7.51 -22.23
C SER A 297 -1.30 8.57 -22.47
N TRP A 298 -1.21 9.68 -21.75
CA TRP A 298 -2.17 10.76 -21.86
C TRP A 298 -1.91 11.59 -23.13
N ALA A 299 -0.62 11.88 -23.37
CA ALA A 299 -0.22 12.88 -24.36
C ALA A 299 -0.40 12.37 -25.80
N TYR A 300 -0.29 11.05 -26.00
CA TYR A 300 -0.59 10.42 -27.27
C TYR A 300 -1.92 9.68 -27.12
N ALA A 301 -2.92 10.04 -27.93
CA ALA A 301 -4.22 9.39 -27.91
C ALA A 301 -4.71 9.13 -29.33
N THR B 2 -15.25 -3.36 -16.24
CA THR B 2 -16.53 -3.40 -16.99
C THR B 2 -17.65 -2.75 -16.14
N PHE B 3 -17.66 -3.03 -14.83
CA PHE B 3 -18.63 -2.44 -13.90
C PHE B 3 -17.91 -1.61 -12.84
N ARG B 4 -18.69 -0.80 -12.11
CA ARG B 4 -18.18 0.17 -11.17
C ARG B 4 -18.84 -0.05 -9.80
N LEU B 5 -18.24 0.50 -8.74
CA LEU B 5 -18.91 0.60 -7.45
C LEU B 5 -20.03 1.63 -7.55
N ARG B 6 -21.21 1.28 -7.01
CA ARG B 6 -22.33 2.21 -6.95
C ARG B 6 -22.03 3.28 -5.91
N ASN B 7 -21.60 2.86 -4.72
CA ASN B 7 -21.35 3.77 -3.62
C ASN B 7 -19.88 3.82 -3.27
N ILE B 8 -19.47 5.00 -2.79
CA ILE B 8 -18.21 5.15 -2.10
C ILE B 8 -18.27 4.33 -0.80
N PRO B 9 -17.26 3.49 -0.52
CA PRO B 9 -17.27 2.65 0.68
C PRO B 9 -17.28 3.50 1.94
N LEU B 10 -17.82 2.94 3.03
CA LEU B 10 -17.75 3.61 4.31
C LEU B 10 -16.28 3.86 4.67
N LEU B 11 -16.01 5.01 5.28
CA LEU B 11 -14.68 5.42 5.72
C LEU B 11 -13.89 6.05 4.58
N SER B 12 -14.39 6.01 3.34
CA SER B 12 -13.56 6.36 2.19
C SER B 12 -13.86 7.74 1.63
N ARG B 13 -14.88 8.45 2.15
CA ARG B 13 -15.23 9.78 1.64
C ARG B 13 -14.11 10.77 1.98
N VAL B 14 -13.79 11.67 1.04
CA VAL B 14 -12.77 12.69 1.29
C VAL B 14 -13.05 13.23 2.69
N GLY B 15 -12.01 13.32 3.52
CA GLY B 15 -12.20 13.31 4.97
C GLY B 15 -12.01 14.68 5.62
N LEU B 16 -10.79 14.91 6.13
CA LEU B 16 -10.60 15.92 7.17
C LEU B 16 -9.55 16.92 6.74
N ASP B 17 -9.64 18.12 7.33
CA ASP B 17 -8.54 19.04 7.26
C ASP B 17 -7.50 18.58 8.27
N ARG B 18 -6.57 17.74 7.80
CA ARG B 18 -5.61 17.08 8.66
C ARG B 18 -4.56 18.08 9.16
N ALA B 19 -4.51 19.26 8.53
CA ALA B 19 -3.60 20.33 8.90
C ALA B 19 -2.18 19.81 9.09
N ASP B 20 -1.60 19.28 8.01
CA ASP B 20 -0.25 18.73 8.04
C ASP B 20 0.74 19.80 8.50
N GLU B 21 0.50 21.06 8.08
CA GLU B 21 1.35 22.19 8.43
C GLU B 21 1.73 22.19 9.92
N LEU B 22 0.74 22.03 10.81
CA LEU B 22 0.90 22.30 12.22
C LEU B 22 1.67 21.18 12.93
N ARG B 23 1.72 19.99 12.35
CA ARG B 23 2.24 18.83 13.05
C ARG B 23 3.63 19.11 13.61
N SER B 24 4.45 19.84 12.86
CA SER B 24 5.81 20.16 13.29
C SER B 24 5.91 21.66 13.57
N ASN B 25 5.15 22.07 14.59
CA ASN B 25 5.06 23.45 15.03
C ASN B 25 4.54 23.40 16.47
N PRO B 26 5.35 22.90 17.44
CA PRO B 26 4.84 22.60 18.78
C PRO B 26 4.04 23.75 19.42
N GLU B 27 4.35 24.99 19.01
CA GLU B 27 3.84 26.18 19.64
C GLU B 27 2.41 26.48 19.20
N GLU B 28 2.12 26.32 17.91
CA GLU B 28 0.77 26.57 17.40
C GLU B 28 -0.18 25.48 17.91
N LEU B 29 0.35 24.27 18.15
CA LEU B 29 -0.39 23.19 18.75
C LEU B 29 -0.79 23.57 20.17
N ALA B 30 0.18 24.11 20.92
CA ALA B 30 0.00 24.51 22.31
C ALA B 30 -0.99 25.67 22.45
N LYS B 31 -0.96 26.62 21.50
CA LYS B 31 -1.88 27.75 21.51
C LYS B 31 -3.32 27.30 21.31
N GLY B 32 -3.54 26.30 20.44
CA GLY B 32 -4.87 25.88 20.03
C GLY B 32 -5.50 24.82 20.95
N TRP B 33 -4.67 24.25 21.84
CA TRP B 33 -5.11 23.28 22.82
C TRP B 33 -6.06 23.90 23.84
N ALA B 34 -5.98 25.22 24.00
CA ALA B 34 -6.73 25.96 24.99
C ALA B 34 -8.19 25.49 25.04
N GLU B 35 -8.86 25.54 23.89
CA GLU B 35 -10.21 24.98 23.79
C GLU B 35 -10.27 24.09 22.54
N ALA B 36 -9.41 23.08 22.56
CA ALA B 36 -9.41 22.03 21.55
C ALA B 36 -10.45 20.98 21.90
N GLY B 37 -10.65 20.02 20.98
CA GLY B 37 -11.49 18.86 21.21
C GLY B 37 -10.66 17.60 21.43
N LEU B 38 -11.27 16.58 22.04
CA LEU B 38 -10.57 15.33 22.34
C LEU B 38 -11.51 14.15 22.13
N ILE B 39 -10.96 13.12 21.49
CA ILE B 39 -11.66 11.88 21.18
C ILE B 39 -10.91 10.79 21.91
N THR B 40 -11.63 9.77 22.42
CA THR B 40 -10.99 8.80 23.30
C THR B 40 -11.36 7.37 22.90
N LEU B 41 -10.34 6.52 22.77
CA LEU B 41 -10.48 5.16 22.26
C LEU B 41 -9.90 4.21 23.30
N ASP B 42 -10.57 3.08 23.57
CA ASP B 42 -10.07 2.16 24.58
C ASP B 42 -9.10 1.22 23.90
N VAL B 43 -8.61 0.21 24.63
CA VAL B 43 -7.61 -0.72 24.13
C VAL B 43 -8.18 -1.61 23.02
N ARG B 44 -9.51 -1.72 22.95
CA ARG B 44 -10.14 -2.60 21.97
C ARG B 44 -10.61 -1.80 20.76
N GLY B 45 -10.29 -0.51 20.74
CA GLY B 45 -10.60 0.35 19.60
C GLY B 45 -11.99 0.98 19.70
N ARG B 46 -12.71 0.68 20.80
CA ARG B 46 -14.11 1.07 20.96
C ARG B 46 -14.19 2.58 21.15
N VAL B 47 -15.37 3.13 20.89
CA VAL B 47 -15.60 4.57 21.01
C VAL B 47 -17.05 4.84 21.43
N ASN B 48 -17.35 6.10 21.75
CA ASN B 48 -18.68 6.53 22.12
C ASN B 48 -19.32 7.35 21.01
N ILE B 49 -20.64 7.17 20.85
CA ILE B 49 -21.45 7.89 19.88
C ILE B 49 -22.53 8.68 20.62
N VAL B 50 -22.87 9.86 20.08
CA VAL B 50 -24.00 10.65 20.54
C VAL B 50 -24.59 11.35 19.31
N ASP B 51 -25.88 11.10 19.03
CA ASP B 51 -26.59 11.76 17.94
C ASP B 51 -25.94 11.53 16.58
N GLY B 52 -25.39 10.32 16.38
CA GLY B 52 -24.79 9.93 15.10
C GLY B 52 -23.38 10.48 14.90
N GLN B 53 -22.82 11.16 15.92
CA GLN B 53 -21.52 11.80 15.82
C GLN B 53 -20.60 11.25 16.91
N VAL B 54 -19.29 11.38 16.68
CA VAL B 54 -18.31 10.97 17.68
C VAL B 54 -18.41 11.95 18.84
N VAL B 55 -18.10 11.45 20.04
CA VAL B 55 -18.03 12.26 21.25
C VAL B 55 -16.72 13.07 21.25
N ILE B 56 -16.85 14.39 21.23
CA ILE B 56 -15.70 15.29 21.30
C ILE B 56 -15.75 16.04 22.62
N GLU B 57 -14.88 15.67 23.55
CA GLU B 57 -14.82 16.30 24.87
C GLU B 57 -14.01 17.60 24.78
N ASP B 58 -14.25 18.51 25.74
CA ASP B 58 -13.38 19.66 25.95
C ASP B 58 -12.00 19.14 26.37
N ALA B 59 -10.96 19.64 25.70
CA ALA B 59 -9.68 18.95 25.61
C ALA B 59 -8.81 19.22 26.84
N ALA B 60 -8.89 20.44 27.37
CA ALA B 60 -7.89 20.94 28.31
C ALA B 60 -7.96 20.23 29.67
N ARG B 61 -8.84 19.23 29.80
CA ARG B 61 -9.19 18.69 31.09
C ARG B 61 -8.35 17.45 31.37
N ILE B 62 -7.21 17.32 30.69
CA ILE B 62 -6.30 16.23 30.98
C ILE B 62 -4.87 16.76 31.18
N GLY B 63 -4.72 18.09 31.09
CA GLY B 63 -3.40 18.71 31.16
C GLY B 63 -3.46 20.18 30.76
N ASP B 64 -2.36 20.91 30.99
CA ASP B 64 -2.25 22.29 30.57
C ASP B 64 -1.80 22.33 29.10
N GLN B 65 -0.92 21.38 28.75
CA GLN B 65 -0.37 21.24 27.42
C GLN B 65 -0.76 19.87 26.84
N PRO B 66 -0.75 19.71 25.49
CA PRO B 66 -1.00 18.42 24.84
C PRO B 66 0.03 17.35 25.22
N PRO B 67 -0.39 16.15 25.66
CA PRO B 67 0.56 15.11 26.02
C PRO B 67 1.26 14.51 24.80
N GLU B 68 2.28 13.68 25.03
CA GLU B 68 3.10 13.12 23.95
C GLU B 68 2.42 11.90 23.31
N HIS B 69 1.62 11.18 24.10
CA HIS B 69 0.96 9.96 23.65
C HIS B 69 -0.32 10.29 22.87
N ALA B 70 -0.71 11.58 22.85
CA ALA B 70 -1.79 12.05 22.00
C ALA B 70 -1.39 12.11 20.52
N VAL B 71 -2.41 12.22 19.66
CA VAL B 71 -2.26 12.30 18.21
C VAL B 71 -3.16 13.40 17.67
N PHE B 72 -2.56 14.36 16.95
CA PHE B 72 -3.28 15.47 16.36
C PHE B 72 -3.99 15.02 15.08
N LEU B 73 -5.30 15.26 15.01
CA LEU B 73 -6.12 14.76 13.90
C LEU B 73 -6.47 15.89 12.92
N GLY B 74 -6.32 17.15 13.35
CA GLY B 74 -6.58 18.27 12.46
C GLY B 74 -7.66 19.22 12.99
N ARG B 75 -8.34 19.91 12.08
CA ARG B 75 -9.29 20.96 12.41
C ARG B 75 -10.67 20.58 11.88
N ILE B 76 -11.70 20.72 12.72
CA ILE B 76 -13.07 20.48 12.29
C ILE B 76 -13.54 21.71 11.52
N PRO B 77 -14.77 21.74 10.92
CA PRO B 77 -15.25 22.93 10.23
C PRO B 77 -15.36 24.10 11.21
N GLY B 78 -14.47 25.09 11.04
CA GLY B 78 -14.38 26.23 11.93
C GLY B 78 -13.18 26.06 12.88
N GLY B 79 -12.03 26.59 12.43
CA GLY B 79 -10.76 26.36 13.09
C GLY B 79 -10.92 25.90 14.54
N ARG B 80 -10.86 24.58 14.76
CA ARG B 80 -10.90 24.01 16.10
C ARG B 80 -10.15 22.68 16.11
N HIS B 81 -8.99 22.66 16.77
CA HIS B 81 -8.14 21.49 16.82
C HIS B 81 -8.90 20.32 17.46
N VAL B 82 -8.49 19.10 17.08
CA VAL B 82 -9.08 17.87 17.58
C VAL B 82 -7.96 16.86 17.73
N TRP B 83 -7.92 16.17 18.87
CA TRP B 83 -6.85 15.24 19.19
C TRP B 83 -7.46 13.91 19.58
N ALA B 84 -6.64 12.87 19.64
CA ALA B 84 -7.08 11.55 20.07
C ALA B 84 -6.11 11.02 21.11
N VAL B 85 -6.66 10.39 22.14
CA VAL B 85 -5.82 9.75 23.14
C VAL B 85 -6.39 8.36 23.38
N ARG B 86 -5.51 7.44 23.80
CA ARG B 86 -5.91 6.13 24.26
C ARG B 86 -6.19 6.19 25.75
N ALA B 87 -7.37 5.70 26.17
CA ALA B 87 -7.79 5.73 27.56
C ALA B 87 -8.86 4.68 27.78
N ASP B 88 -9.09 4.32 29.05
CA ASP B 88 -10.21 3.48 29.42
C ASP B 88 -11.51 4.27 29.27
N LEU B 89 -12.63 3.58 28.95
CA LEU B 89 -13.94 4.21 28.90
C LEU B 89 -14.83 3.62 29.99
N ASP B 90 -15.73 4.41 30.58
CA ASP B 90 -16.42 3.96 31.78
C ASP B 90 -17.55 2.99 31.44
N GLU B 91 -18.15 3.11 30.25
CA GLU B 91 -19.15 2.17 29.79
C GLU B 91 -20.48 2.37 30.53
N ASP B 92 -20.69 3.57 31.08
CA ASP B 92 -22.03 4.03 31.38
C ASP B 92 -22.59 4.81 30.17
N SER B 93 -21.79 4.94 29.12
CA SER B 93 -22.29 5.39 27.83
C SER B 93 -22.45 4.18 26.91
N ALA B 94 -22.94 4.44 25.68
CA ALA B 94 -23.14 3.41 24.68
C ALA B 94 -21.86 3.25 23.88
N PRO B 95 -21.07 2.17 24.12
CA PRO B 95 -19.77 1.98 23.47
C PRO B 95 -19.85 0.91 22.38
N LEU B 96 -19.44 1.29 21.16
CA LEU B 96 -19.55 0.41 20.01
C LEU B 96 -18.35 -0.53 19.99
N LEU B 97 -18.58 -1.78 20.37
CA LEU B 97 -17.55 -2.81 20.41
C LEU B 97 -16.67 -2.82 19.17
N ASP B 98 -17.29 -2.80 17.96
CA ASP B 98 -16.57 -2.52 16.73
C ASP B 98 -17.08 -1.21 16.11
N LEU B 99 -16.16 -0.47 15.49
CA LEU B 99 -16.48 0.45 14.42
C LEU B 99 -16.73 -0.38 13.15
N ARG B 100 -16.12 -1.57 13.13
CA ARG B 100 -16.20 -2.49 12.00
C ARG B 100 -17.62 -2.99 11.76
N ARG B 101 -18.42 -3.13 12.84
CA ARG B 101 -19.75 -3.70 12.75
C ARG B 101 -20.82 -2.61 12.89
N SER B 102 -20.42 -1.39 13.30
CA SER B 102 -21.39 -0.39 13.68
C SER B 102 -21.05 1.00 13.13
N GLY B 103 -19.96 1.13 12.38
CA GLY B 103 -19.52 2.42 11.87
C GLY B 103 -20.59 3.09 11.00
N GLN B 104 -21.57 2.29 10.53
CA GLN B 104 -22.65 2.80 9.70
C GLN B 104 -23.54 3.79 10.47
N LEU B 105 -23.45 3.83 11.81
CA LEU B 105 -24.24 4.75 12.62
C LEU B 105 -23.68 6.17 12.56
N PHE B 106 -22.42 6.33 12.10
CA PHE B 106 -21.72 7.60 12.22
C PHE B 106 -21.85 8.39 10.93
N ASP B 107 -21.77 9.72 11.05
CA ASP B 107 -21.61 10.58 9.89
C ASP B 107 -20.22 10.34 9.29
N ASP B 108 -20.05 10.76 8.04
CA ASP B 108 -18.81 10.51 7.31
C ASP B 108 -17.60 11.09 8.05
N THR B 109 -17.70 12.35 8.50
CA THR B 109 -16.60 13.01 9.21
C THR B 109 -16.19 12.22 10.45
N SER B 110 -17.17 11.85 11.28
CA SER B 110 -16.87 11.15 12.52
C SER B 110 -16.14 9.83 12.23
N ALA B 111 -16.50 9.19 11.11
CA ALA B 111 -15.94 7.92 10.71
C ALA B 111 -14.48 8.09 10.27
N ALA B 112 -14.20 9.20 9.57
CA ALA B 112 -12.84 9.53 9.17
C ALA B 112 -11.98 9.74 10.41
N LEU B 113 -12.42 10.65 11.29
CA LEU B 113 -11.74 10.88 12.56
C LEU B 113 -11.40 9.56 13.24
N LEU B 114 -12.40 8.69 13.37
CA LEU B 114 -12.24 7.46 14.14
C LEU B 114 -11.23 6.53 13.46
N ALA B 115 -11.33 6.43 12.13
CA ALA B 115 -10.46 5.57 11.35
C ALA B 115 -9.01 6.01 11.50
N THR B 116 -8.77 7.33 11.37
CA THR B 116 -7.44 7.89 11.54
C THR B 116 -6.95 7.61 12.95
N ALA B 117 -7.75 8.01 13.95
CA ALA B 117 -7.36 7.89 15.35
C ALA B 117 -7.01 6.44 15.67
N MET B 118 -7.85 5.54 15.19
CA MET B 118 -7.77 4.14 15.54
C MET B 118 -6.47 3.54 14.99
N ALA B 119 -6.09 3.91 13.76
CA ALA B 119 -4.92 3.32 13.11
C ALA B 119 -3.63 3.87 13.72
N MET B 120 -3.64 5.18 14.01
CA MET B 120 -2.49 5.83 14.61
C MET B 120 -2.21 5.27 16.01
N LEU B 121 -3.23 5.26 16.88
CA LEU B 121 -3.04 4.79 18.24
C LEU B 121 -2.55 3.35 18.23
N ALA B 122 -3.11 2.53 17.35
CA ALA B 122 -2.68 1.14 17.30
C ALA B 122 -1.20 1.08 16.89
N TRP B 123 -0.79 1.98 15.99
CA TRP B 123 0.58 2.04 15.49
C TRP B 123 1.55 2.37 16.63
N HIS B 124 1.29 3.47 17.35
CA HIS B 124 2.13 3.82 18.50
C HIS B 124 2.28 2.62 19.42
N ASP B 125 1.17 1.95 19.75
CA ASP B 125 1.23 0.83 20.66
C ASP B 125 2.14 -0.28 20.13
N ASN B 126 2.42 -0.32 18.81
CA ASN B 126 3.26 -1.38 18.27
C ASN B 126 4.55 -0.85 17.67
N ALA B 127 4.98 0.36 18.04
CA ALA B 127 6.16 0.97 17.43
C ALA B 127 7.00 1.72 18.46
N GLY B 128 7.16 1.11 19.64
CA GLY B 128 7.89 1.73 20.73
C GLY B 128 9.39 1.46 20.63
N TYR B 129 9.80 0.71 19.61
CA TYR B 129 11.19 0.33 19.42
C TYR B 129 11.53 0.36 17.92
N SER B 130 12.77 0.77 17.61
CA SER B 130 13.26 0.68 16.25
C SER B 130 13.42 -0.79 15.87
N PRO B 131 12.88 -1.21 14.70
CA PRO B 131 13.14 -2.54 14.16
C PRO B 131 14.55 -2.69 13.61
N VAL B 132 15.24 -1.54 13.49
CA VAL B 132 16.56 -1.48 12.87
C VAL B 132 17.58 -1.98 13.87
N ASP B 133 17.65 -1.31 15.03
CA ASP B 133 18.68 -1.56 16.04
C ASP B 133 18.07 -2.17 17.31
N GLY B 134 16.92 -1.64 17.77
CA GLY B 134 16.27 -2.10 18.98
C GLY B 134 16.03 -0.98 20.00
N SER B 135 16.51 0.23 19.72
CA SER B 135 16.41 1.31 20.69
C SER B 135 14.95 1.61 20.98
N PRO B 136 14.59 2.11 22.18
CA PRO B 136 13.31 2.80 22.38
C PRO B 136 13.09 3.89 21.34
N THR B 137 11.83 4.31 21.14
CA THR B 137 11.45 5.40 20.25
C THR B 137 10.53 6.36 21.03
N ILE B 138 10.33 7.59 20.54
CA ILE B 138 9.63 8.62 21.29
C ILE B 138 8.65 9.34 20.38
N PRO B 139 7.36 9.51 20.74
CA PRO B 139 6.45 10.35 19.97
C PRO B 139 7.07 11.71 19.64
N ALA B 140 6.70 12.27 18.48
CA ALA B 140 7.00 13.65 18.11
C ALA B 140 6.05 14.15 17.03
N LYS B 141 6.00 15.47 16.86
CA LYS B 141 5.29 16.12 15.76
C LYS B 141 3.82 15.72 15.76
N GLY B 142 3.11 16.08 16.84
CA GLY B 142 1.69 15.80 16.98
C GLY B 142 1.35 14.31 16.97
N GLY B 143 2.36 13.45 17.17
CA GLY B 143 2.17 12.01 17.17
C GLY B 143 2.32 11.36 15.79
N TRP B 144 2.85 12.11 14.81
CA TRP B 144 2.92 11.59 13.45
C TRP B 144 4.28 10.95 13.14
N VAL B 145 5.26 11.07 14.04
CA VAL B 145 6.48 10.26 13.94
C VAL B 145 6.82 9.75 15.33
N ARG B 146 7.64 8.70 15.37
CA ARG B 146 8.38 8.34 16.57
C ARG B 146 9.88 8.38 16.26
N VAL B 147 10.62 9.17 17.04
CA VAL B 147 12.06 9.35 16.86
C VAL B 147 12.80 8.31 17.70
N ASN B 148 13.86 7.75 17.10
CA ASN B 148 14.75 6.82 17.79
C ASN B 148 15.54 7.59 18.85
N SER B 149 15.82 6.93 20.00
CA SER B 149 16.41 7.55 21.17
C SER B 149 17.93 7.68 21.01
N ALA B 150 18.57 6.58 20.60
CA ALA B 150 19.98 6.57 20.21
C ALA B 150 20.27 7.50 19.02
N THR B 151 19.70 7.17 17.83
CA THR B 151 20.20 7.64 16.54
C THR B 151 19.44 8.86 16.00
N GLY B 152 18.25 9.15 16.50
CA GLY B 152 17.48 10.30 16.03
C GLY B 152 16.67 9.99 14.78
N GLN B 153 16.76 8.75 14.26
CA GLN B 153 16.07 8.38 13.04
C GLN B 153 14.55 8.29 13.25
N GLU B 154 13.79 8.81 12.27
CA GLU B 154 12.34 8.82 12.34
C GLU B 154 11.75 7.49 11.86
N GLU B 155 10.73 7.02 12.57
CA GLU B 155 9.86 5.94 12.14
C GLU B 155 8.48 6.54 11.88
N PHE B 156 7.78 6.01 10.86
CA PHE B 156 6.51 6.55 10.39
C PHE B 156 5.41 5.51 10.45
N PRO B 157 4.13 5.94 10.58
CA PRO B 157 2.98 5.03 10.57
C PRO B 157 3.02 4.04 9.42
N ARG B 158 2.62 2.80 9.75
CA ARG B 158 2.68 1.67 8.84
C ARG B 158 1.26 1.26 8.45
N THR B 159 0.95 1.41 7.16
CA THR B 159 -0.31 0.95 6.59
C THR B 159 0.04 -0.14 5.58
N ASP B 160 -0.42 -1.38 5.85
CA ASP B 160 -0.11 -2.53 5.01
C ASP B 160 -1.15 -2.66 3.91
N PRO B 161 -0.76 -2.66 2.62
CA PRO B 161 -1.75 -2.75 1.55
C PRO B 161 -2.17 -4.21 1.34
N ALA B 162 -3.47 -4.42 1.09
CA ALA B 162 -4.02 -5.74 0.84
C ALA B 162 -5.04 -5.66 -0.28
N ILE B 163 -5.11 -6.71 -1.10
CA ILE B 163 -6.11 -6.74 -2.16
C ILE B 163 -7.29 -7.57 -1.68
N ILE B 164 -8.47 -7.28 -2.25
CA ILE B 164 -9.64 -8.11 -2.06
C ILE B 164 -10.39 -8.16 -3.39
N CYS B 165 -10.71 -9.39 -3.83
CA CYS B 165 -11.03 -9.63 -5.23
C CYS B 165 -12.27 -10.49 -5.39
N LEU B 166 -13.16 -10.06 -6.30
CA LEU B 166 -14.27 -10.85 -6.81
C LEU B 166 -13.87 -11.44 -8.16
N VAL B 167 -13.69 -12.76 -8.21
CA VAL B 167 -13.49 -13.49 -9.45
C VAL B 167 -14.85 -13.85 -10.06
N HIS B 168 -15.07 -13.48 -11.32
CA HIS B 168 -16.30 -13.81 -12.03
C HIS B 168 -15.98 -14.34 -13.42
N ASP B 169 -16.97 -14.95 -14.07
CA ASP B 169 -16.77 -15.67 -15.33
C ASP B 169 -16.96 -14.75 -16.54
N GLY B 170 -17.27 -13.47 -16.32
CA GLY B 170 -17.48 -12.52 -17.41
C GLY B 170 -18.97 -12.36 -17.73
N GLY B 171 -19.79 -13.24 -17.14
CA GLY B 171 -21.25 -13.15 -17.22
C GLY B 171 -21.88 -13.16 -15.83
N ASP B 172 -22.48 -14.30 -15.45
CA ASP B 172 -23.48 -14.33 -14.38
C ASP B 172 -23.00 -15.15 -13.18
N ARG B 173 -21.70 -15.50 -13.10
CA ARG B 173 -21.22 -16.36 -12.02
C ARG B 173 -19.96 -15.79 -11.35
N ALA B 174 -19.86 -15.98 -10.02
CA ALA B 174 -18.81 -15.38 -9.23
C ALA B 174 -18.29 -16.34 -8.15
N VAL B 175 -16.99 -16.25 -7.85
CA VAL B 175 -16.35 -17.10 -6.85
C VAL B 175 -16.48 -16.45 -5.48
N LEU B 176 -16.90 -17.23 -4.49
CA LEU B 176 -16.81 -16.87 -3.09
C LEU B 176 -16.24 -18.07 -2.36
N GLY B 177 -15.58 -17.81 -1.21
CA GLY B 177 -14.83 -18.81 -0.50
C GLY B 177 -15.01 -18.69 1.01
N ARG B 178 -14.83 -19.82 1.70
CA ARG B 178 -15.03 -19.94 3.14
C ARG B 178 -13.70 -20.32 3.80
N GLN B 179 -13.29 -19.55 4.80
CA GLN B 179 -12.10 -19.88 5.57
C GLN B 179 -12.42 -20.95 6.61
N LYS B 180 -11.40 -21.76 6.92
CA LYS B 180 -11.54 -22.80 7.91
C LYS B 180 -11.91 -22.14 9.24
N PHE B 181 -12.84 -22.78 9.96
CA PHE B 181 -13.30 -22.31 11.26
C PHE B 181 -14.23 -21.09 11.08
N TRP B 182 -14.89 -20.99 9.93
CA TRP B 182 -16.04 -20.11 9.78
C TRP B 182 -17.32 -20.93 9.95
N PRO B 183 -18.46 -20.31 10.36
CA PRO B 183 -19.75 -20.99 10.29
C PRO B 183 -19.97 -21.53 8.88
N GLU B 184 -20.79 -22.59 8.76
CA GLU B 184 -21.05 -23.14 7.44
C GLU B 184 -21.91 -22.15 6.68
N ARG B 185 -21.89 -22.26 5.35
CA ARG B 185 -22.73 -21.48 4.45
C ARG B 185 -22.41 -19.99 4.56
N MET B 186 -21.17 -19.66 4.99
CA MET B 186 -20.71 -18.29 5.09
C MET B 186 -19.50 -18.09 4.19
N PHE B 187 -19.67 -17.33 3.11
CA PHE B 187 -18.62 -17.16 2.11
C PHE B 187 -18.34 -15.68 1.92
N SER B 188 -17.18 -15.36 1.34
CA SER B 188 -16.84 -13.97 1.05
C SER B 188 -15.80 -13.93 -0.07
N LEU B 189 -15.33 -12.71 -0.33
CA LEU B 189 -14.27 -12.49 -1.29
C LEU B 189 -12.93 -13.02 -0.78
N LEU B 190 -11.98 -13.11 -1.71
CA LEU B 190 -10.64 -13.59 -1.45
C LEU B 190 -9.74 -12.38 -1.22
N ALA B 191 -8.90 -12.46 -0.17
CA ALA B 191 -8.04 -11.34 0.16
C ALA B 191 -6.63 -11.82 0.44
N GLY B 192 -5.67 -10.90 0.30
CA GLY B 192 -4.26 -11.18 0.47
C GLY B 192 -3.45 -9.90 0.62
N PHE B 193 -2.33 -9.99 1.34
CA PHE B 193 -1.43 -8.87 1.51
C PHE B 193 -0.53 -8.78 0.28
N VAL B 194 -0.17 -7.54 -0.08
CA VAL B 194 0.81 -7.26 -1.13
C VAL B 194 2.22 -7.56 -0.61
N GLU B 195 2.93 -8.44 -1.32
CA GLU B 195 4.31 -8.73 -1.03
C GLU B 195 5.22 -7.69 -1.71
N ALA B 196 6.48 -7.63 -1.24
CA ALA B 196 7.51 -6.79 -1.84
C ALA B 196 7.82 -7.27 -3.25
N GLY B 197 7.96 -6.31 -4.17
CA GLY B 197 8.41 -6.58 -5.53
C GLY B 197 7.31 -7.02 -6.48
N GLU B 198 6.04 -6.80 -6.14
CA GLU B 198 4.96 -7.15 -7.06
C GLU B 198 3.97 -5.99 -7.20
N SER B 199 3.35 -5.93 -8.37
CA SER B 199 2.25 -5.01 -8.64
C SER B 199 0.99 -5.52 -7.96
N LEU B 200 0.00 -4.65 -7.77
CA LEU B 200 -1.31 -5.07 -7.28
C LEU B 200 -1.89 -6.14 -8.21
N GLU B 201 -1.76 -5.94 -9.53
CA GLU B 201 -2.35 -6.86 -10.51
C GLU B 201 -1.74 -8.26 -10.38
N ALA B 202 -0.42 -8.33 -10.17
CA ALA B 202 0.25 -9.59 -9.92
C ALA B 202 -0.15 -10.19 -8.58
N CYS B 203 -0.31 -9.33 -7.56
CA CYS B 203 -0.73 -9.76 -6.24
C CYS B 203 -2.10 -10.42 -6.29
N VAL B 204 -3.04 -9.84 -7.05
CA VAL B 204 -4.37 -10.42 -7.17
C VAL B 204 -4.26 -11.81 -7.79
N ALA B 205 -3.62 -11.91 -8.97
CA ALA B 205 -3.48 -13.17 -9.68
C ALA B 205 -2.78 -14.23 -8.81
N ARG B 206 -1.75 -13.80 -8.07
CA ARG B 206 -1.03 -14.71 -7.20
C ARG B 206 -1.91 -15.20 -6.07
N GLU B 207 -2.54 -14.30 -5.32
CA GLU B 207 -3.32 -14.70 -4.15
C GLU B 207 -4.49 -15.59 -4.57
N VAL B 208 -5.15 -15.23 -5.68
CA VAL B 208 -6.25 -16.05 -6.17
C VAL B 208 -5.72 -17.46 -6.44
N ALA B 209 -4.59 -17.57 -7.16
CA ALA B 209 -4.01 -18.87 -7.49
C ALA B 209 -3.67 -19.66 -6.22
N GLU B 210 -3.06 -19.01 -5.23
CA GLU B 210 -2.70 -19.70 -4.00
C GLU B 210 -3.96 -20.28 -3.35
N GLU B 211 -4.97 -19.42 -3.12
CA GLU B 211 -6.05 -19.72 -2.20
C GLU B 211 -7.06 -20.70 -2.82
N VAL B 212 -7.39 -20.56 -4.12
CA VAL B 212 -8.43 -21.38 -4.72
C VAL B 212 -7.98 -22.06 -6.02
N GLY B 213 -6.80 -21.70 -6.55
CA GLY B 213 -6.18 -22.48 -7.61
C GLY B 213 -6.67 -22.09 -9.01
N LEU B 214 -7.30 -20.92 -9.14
CA LEU B 214 -7.73 -20.44 -10.44
C LEU B 214 -6.65 -19.55 -11.06
N THR B 215 -6.58 -19.56 -12.39
CA THR B 215 -5.82 -18.59 -13.17
C THR B 215 -6.79 -17.51 -13.65
N VAL B 216 -6.46 -16.23 -13.39
CA VAL B 216 -7.39 -15.14 -13.63
C VAL B 216 -6.73 -14.11 -14.54
N THR B 217 -7.56 -13.36 -15.30
CA THR B 217 -7.10 -12.27 -16.15
C THR B 217 -8.02 -11.06 -16.01
N ASP B 218 -7.68 -9.97 -16.71
CA ASP B 218 -8.48 -8.76 -16.77
C ASP B 218 -8.75 -8.23 -15.37
N VAL B 219 -7.67 -8.06 -14.60
CA VAL B 219 -7.72 -7.62 -13.22
C VAL B 219 -7.97 -6.12 -13.21
N GLN B 220 -9.07 -5.68 -12.58
CA GLN B 220 -9.48 -4.28 -12.60
C GLN B 220 -9.84 -3.75 -11.21
N TYR B 221 -9.23 -2.61 -10.88
CA TYR B 221 -9.49 -1.87 -9.65
C TYR B 221 -10.90 -1.31 -9.61
N LEU B 222 -11.52 -1.41 -8.43
CA LEU B 222 -12.87 -0.93 -8.14
C LEU B 222 -12.84 0.23 -7.16
N GLY B 223 -12.01 0.12 -6.11
CA GLY B 223 -11.84 1.20 -5.16
C GLY B 223 -11.00 0.77 -3.96
N SER B 224 -11.04 1.60 -2.90
CA SER B 224 -10.17 1.45 -1.76
C SER B 224 -10.84 1.90 -0.47
N GLN B 225 -10.37 1.37 0.66
CA GLN B 225 -10.96 1.62 1.96
C GLN B 225 -9.91 1.50 3.07
N PRO B 226 -9.74 2.53 3.93
CA PRO B 226 -8.89 2.42 5.12
C PRO B 226 -9.45 1.31 6.00
N TRP B 227 -8.57 0.48 6.60
CA TRP B 227 -9.02 -0.69 7.33
C TRP B 227 -8.18 -0.92 8.59
N PRO B 228 -8.33 -0.05 9.60
CA PRO B 228 -7.51 -0.12 10.81
C PRO B 228 -7.75 -1.25 11.79
N PHE B 229 -7.59 -2.50 11.34
CA PHE B 229 -7.90 -3.64 12.18
C PHE B 229 -6.77 -4.66 12.14
N PRO B 230 -5.54 -4.31 12.58
CA PRO B 230 -5.22 -2.96 13.05
C PRO B 230 -4.68 -1.92 12.06
N ARG B 231 -4.14 -2.32 10.90
CA ARG B 231 -3.37 -1.36 10.12
C ARG B 231 -3.37 -1.63 8.61
N SER B 232 -4.51 -2.00 8.02
CA SER B 232 -4.55 -2.31 6.60
C SER B 232 -5.12 -1.15 5.79
N ILE B 233 -4.88 -1.19 4.48
CA ILE B 233 -5.73 -0.49 3.52
C ILE B 233 -6.13 -1.54 2.50
N MET B 234 -7.43 -1.61 2.19
CA MET B 234 -7.97 -2.64 1.33
C MET B 234 -8.18 -2.04 -0.06
N LEU B 235 -7.73 -2.78 -1.08
CA LEU B 235 -7.82 -2.33 -2.46
C LEU B 235 -8.66 -3.35 -3.23
N GLY B 236 -9.84 -2.89 -3.68
CA GLY B 236 -10.85 -3.75 -4.27
C GLY B 236 -10.63 -3.97 -5.76
N PHE B 237 -10.75 -5.24 -6.19
CA PHE B 237 -10.57 -5.61 -7.58
C PHE B 237 -11.65 -6.63 -7.99
N HIS B 238 -11.91 -6.72 -9.30
CA HIS B 238 -12.53 -7.89 -9.90
C HIS B 238 -11.62 -8.48 -10.97
N ALA B 239 -11.82 -9.76 -11.27
CA ALA B 239 -11.04 -10.46 -12.28
C ALA B 239 -11.87 -11.58 -12.90
N ILE B 240 -11.46 -11.99 -14.11
CA ILE B 240 -12.15 -13.02 -14.87
C ILE B 240 -11.42 -14.35 -14.68
N GLY B 241 -12.19 -15.40 -14.33
CA GLY B 241 -11.69 -16.76 -14.27
C GLY B 241 -12.54 -17.69 -15.15
N ASP B 242 -12.08 -18.94 -15.31
CA ASP B 242 -12.78 -19.91 -16.14
C ASP B 242 -13.37 -20.99 -15.24
N PRO B 243 -14.71 -21.16 -15.21
CA PRO B 243 -15.33 -22.20 -14.39
C PRO B 243 -14.98 -23.65 -14.73
N SER B 244 -14.45 -23.89 -15.94
CA SER B 244 -14.12 -25.25 -16.37
C SER B 244 -12.84 -25.76 -15.69
N GLN B 245 -12.01 -24.83 -15.20
CA GLN B 245 -10.80 -25.17 -14.45
C GLN B 245 -11.19 -25.50 -13.01
N PRO B 246 -10.87 -26.71 -12.50
CA PRO B 246 -11.31 -27.12 -11.16
C PRO B 246 -10.59 -26.33 -10.05
N PHE B 247 -11.23 -26.29 -8.88
CA PHE B 247 -10.66 -25.60 -7.72
C PHE B 247 -9.48 -26.40 -7.17
N ALA B 248 -8.72 -25.78 -6.25
CA ALA B 248 -7.57 -26.41 -5.63
C ALA B 248 -7.07 -25.57 -4.45
N PHE B 249 -7.16 -26.12 -3.24
CA PHE B 249 -6.86 -25.38 -2.02
C PHE B 249 -5.43 -25.70 -1.57
N ASN B 250 -4.46 -24.93 -2.09
CA ASN B 250 -3.03 -25.22 -1.98
C ASN B 250 -2.45 -24.61 -0.71
N ASP B 251 -2.44 -23.27 -0.67
CA ASP B 251 -2.13 -22.53 0.54
C ASP B 251 -3.34 -22.70 1.45
N GLY B 252 -4.52 -22.54 0.85
CA GLY B 252 -5.74 -23.13 1.36
C GLY B 252 -5.93 -22.84 2.84
N GLU B 253 -5.96 -21.55 3.20
CA GLU B 253 -6.71 -21.10 4.36
C GLU B 253 -8.22 -21.19 4.03
N ILE B 254 -8.52 -21.56 2.78
CA ILE B 254 -9.86 -21.77 2.27
C ILE B 254 -10.29 -23.22 2.49
N ALA B 255 -11.39 -23.41 3.24
CA ALA B 255 -12.00 -24.71 3.46
C ALA B 255 -12.75 -25.16 2.21
N GLU B 256 -13.62 -24.29 1.67
CA GLU B 256 -14.36 -24.60 0.46
C GLU B 256 -14.71 -23.31 -0.28
N ALA B 257 -15.12 -23.48 -1.53
CA ALA B 257 -15.51 -22.39 -2.41
C ALA B 257 -16.35 -22.95 -3.55
N ASP B 258 -17.06 -22.05 -4.25
CA ASP B 258 -17.83 -22.46 -5.40
C ASP B 258 -18.14 -21.21 -6.22
N TRP B 259 -18.65 -21.42 -7.44
CA TRP B 259 -19.23 -20.35 -8.23
C TRP B 259 -20.69 -20.21 -7.84
N PHE B 260 -21.14 -18.95 -7.72
CA PHE B 260 -22.53 -18.62 -7.39
C PHE B 260 -23.09 -17.76 -8.51
N THR B 261 -24.41 -17.85 -8.73
CA THR B 261 -25.08 -17.11 -9.79
C THR B 261 -25.41 -15.71 -9.25
N ARG B 262 -25.58 -14.78 -10.19
CA ARG B 262 -26.13 -13.45 -9.93
C ARG B 262 -27.32 -13.56 -8.98
N ALA B 263 -28.29 -14.41 -9.38
CA ALA B 263 -29.51 -14.65 -8.62
C ALA B 263 -29.19 -15.04 -7.18
N GLU B 264 -28.35 -16.08 -7.02
CA GLU B 264 -27.96 -16.59 -5.71
C GLU B 264 -27.39 -15.48 -4.84
N VAL B 265 -26.61 -14.57 -5.44
CA VAL B 265 -25.91 -13.55 -4.67
C VAL B 265 -26.89 -12.49 -4.18
N ARG B 266 -27.80 -12.06 -5.07
CA ARG B 266 -28.85 -11.11 -4.70
C ARG B 266 -29.65 -11.63 -3.50
N SER B 267 -30.05 -12.91 -3.57
CA SER B 267 -30.78 -13.57 -2.49
C SER B 267 -29.98 -13.55 -1.19
N ALA B 268 -28.67 -13.79 -1.29
CA ALA B 268 -27.79 -13.85 -0.14
C ALA B 268 -27.63 -12.47 0.48
N LEU B 269 -27.57 -11.44 -0.37
CA LEU B 269 -27.45 -10.05 0.06
C LEU B 269 -28.63 -9.63 0.93
N GLU B 270 -29.85 -10.06 0.60
CA GLU B 270 -31.04 -9.72 1.40
C GLU B 270 -31.06 -10.50 2.72
N ALA B 271 -30.66 -11.79 2.68
CA ALA B 271 -30.46 -12.58 3.88
C ALA B 271 -29.27 -12.05 4.68
N SER B 278 -31.13 -20.67 9.19
CA SER B 278 -31.73 -19.69 8.25
C SER B 278 -32.33 -20.44 7.06
N ASP B 279 -31.92 -20.17 5.80
CA ASP B 279 -32.45 -20.93 4.66
C ASP B 279 -31.36 -21.32 3.66
N SER B 280 -30.69 -20.32 3.07
CA SER B 280 -29.91 -20.49 1.84
C SER B 280 -28.57 -21.20 2.12
N ARG B 281 -27.92 -21.65 1.04
CA ARG B 281 -26.60 -22.27 1.10
C ARG B 281 -25.49 -21.22 1.20
N LEU B 282 -25.88 -19.94 1.12
CA LEU B 282 -24.95 -18.83 1.07
C LEU B 282 -25.50 -17.65 1.85
N MET B 283 -24.79 -17.26 2.92
CA MET B 283 -25.01 -15.99 3.59
C MET B 283 -23.70 -15.20 3.57
N LEU B 284 -23.80 -13.88 3.80
CA LEU B 284 -22.66 -12.97 3.74
C LEU B 284 -22.48 -12.31 5.10
N PRO B 285 -21.23 -12.10 5.58
CA PRO B 285 -20.98 -11.38 6.83
C PRO B 285 -21.34 -9.90 6.81
N GLY B 286 -21.76 -9.37 7.98
CA GLY B 286 -22.34 -8.05 8.08
C GLY B 286 -21.33 -7.02 8.56
N SER B 287 -20.79 -6.23 7.62
CA SER B 287 -19.62 -5.40 7.84
C SER B 287 -19.79 -4.05 7.17
N ILE B 288 -19.00 -3.08 7.62
CA ILE B 288 -18.78 -1.87 6.85
C ILE B 288 -17.81 -2.12 5.70
N SER B 289 -17.43 -3.40 5.45
CA SER B 289 -16.37 -3.75 4.52
C SER B 289 -16.72 -3.41 3.07
N ILE B 290 -15.68 -2.97 2.34
CA ILE B 290 -15.79 -2.73 0.91
C ILE B 290 -16.19 -4.02 0.18
N ALA B 291 -15.97 -5.18 0.83
CA ALA B 291 -16.34 -6.47 0.26
C ALA B 291 -17.81 -6.50 -0.12
N ARG B 292 -18.67 -6.01 0.78
CA ARG B 292 -20.11 -6.01 0.56
C ARG B 292 -20.45 -5.10 -0.64
N GLU B 293 -19.79 -3.93 -0.70
CA GLU B 293 -20.09 -2.97 -1.74
C GLU B 293 -19.70 -3.52 -3.10
N ILE B 294 -18.65 -4.36 -3.14
CA ILE B 294 -18.14 -4.92 -4.39
C ILE B 294 -19.15 -5.94 -4.89
N VAL B 295 -19.57 -6.83 -3.99
CA VAL B 295 -20.49 -7.90 -4.36
C VAL B 295 -21.80 -7.29 -4.87
N GLU B 296 -22.31 -6.29 -4.14
CA GLU B 296 -23.57 -5.63 -4.46
C GLU B 296 -23.46 -4.97 -5.82
N SER B 297 -22.33 -4.31 -6.08
CA SER B 297 -22.18 -3.54 -7.30
C SER B 297 -22.14 -4.45 -8.52
N TRP B 298 -21.64 -5.69 -8.36
CA TRP B 298 -21.60 -6.67 -9.44
C TRP B 298 -22.98 -7.27 -9.69
N ALA B 299 -23.68 -7.60 -8.59
CA ALA B 299 -24.93 -8.34 -8.62
C ALA B 299 -26.08 -7.55 -9.25
N TYR B 300 -26.07 -6.21 -9.09
CA TYR B 300 -27.05 -5.33 -9.73
C TYR B 300 -26.37 -4.66 -10.94
N ALA B 301 -25.74 -5.51 -11.78
CA ALA B 301 -25.16 -5.11 -13.05
C ALA B 301 -24.65 -3.67 -13.02
#